data_4PE3
#
_entry.id   4PE3
#
_cell.length_a   79.072
_cell.length_b   97.938
_cell.length_c   35.788
_cell.angle_alpha   90.000
_cell.angle_beta   90.000
_cell.angle_gamma   90.000
#
_symmetry.space_group_name_H-M   'P 21 21 2'
#
loop_
_entity.id
_entity.type
_entity.pdbx_description
1 polymer 'TRAP dicarboxylate transporter-DctP subunit'
2 non-polymer IMIDAZOLE
3 non-polymer 1,2-ETHANEDIOL
4 non-polymer 'ACETATE ION'
5 non-polymer 'ZINC ION'
6 water water
#
_entity_poly.entity_id   1
_entity_poly.type   'polypeptide(L)'
_entity_poly.pdbx_seq_one_letter_code
;(MSE)HHHHHHSSGVDLGTENLYFQS(MSE)SAA(MSE)AQEHHFRFQSSDPAGNPNFELQHVFADKVKELTNGEVTIEL
(MSE)PVGTIVDYKETPDAIQAGLIDGHITDTSYFAGRDPAFGLIANPVGAWADPAQ(MSE)IDFVENGGGKEL(MSE)N
ELINPYGLQFIGVSTPGLEAFVSKVPLDTVEDLKGVKVRSPEGLIANVFAAAGANPVNLPSSEVYTSLDKGVIDAADYSV
FSVNQDTG(MSE)NDIAPHPVYPGFHSLPLVEVS(MSE)NKQKWDALTPELQAKITEAQKIFQQTQIDTLHQRDLEAVEA
AKAGGKITVHDWSDEERAKFRGIARGEWEKVAGQSE(MSE)AQKVYDTLVTYLKDKGL(MSE)AE
;
_entity_poly.pdbx_strand_id   A
#
loop_
_chem_comp.id
_chem_comp.type
_chem_comp.name
_chem_comp.formula
ACT non-polymer 'ACETATE ION' 'C2 H3 O2 -1'
EDO non-polymer 1,2-ETHANEDIOL 'C2 H6 O2'
IMD non-polymer IMIDAZOLE 'C3 H5 N2 1'
ZN non-polymer 'ZINC ION' 'Zn 2'
#
# COMPACT_ATOMS: atom_id res chain seq x y z
N HIS A 31 -0.81 -15.53 26.71
CA HIS A 31 -0.47 -15.89 25.35
C HIS A 31 0.69 -15.06 24.85
N HIS A 32 1.59 -15.69 24.11
CA HIS A 32 2.76 -15.04 23.57
C HIS A 32 2.86 -15.38 22.09
N PHE A 33 2.68 -14.40 21.22
CA PHE A 33 2.63 -14.64 19.78
C PHE A 33 3.78 -13.93 19.06
N ARG A 34 4.52 -14.68 18.28
CA ARG A 34 5.65 -14.14 17.51
C ARG A 34 5.20 -13.77 16.09
N PHE A 35 5.38 -12.51 15.73
CA PHE A 35 5.02 -11.99 14.43
C PHE A 35 6.25 -11.58 13.65
N GLN A 36 6.37 -11.97 12.40
CA GLN A 36 7.45 -11.52 11.57
C GLN A 36 7.03 -10.41 10.63
N SER A 37 7.82 -9.34 10.57
CA SER A 37 7.58 -8.18 9.73
C SER A 37 8.17 -8.42 8.36
N SER A 38 7.70 -7.68 7.36
CA SER A 38 8.41 -7.61 6.08
C SER A 38 9.52 -6.55 6.07
N ASP A 39 9.64 -5.77 7.14
CA ASP A 39 10.65 -4.73 7.23
C ASP A 39 11.80 -5.13 8.15
N PRO A 40 12.98 -4.57 7.92
CA PRO A 40 14.12 -4.85 8.78
C PRO A 40 14.16 -3.94 10.01
N ALA A 41 14.96 -4.31 11.01
CA ALA A 41 15.24 -3.41 12.11
C ALA A 41 15.86 -2.15 11.55
N GLY A 42 15.50 -1.01 12.13
CA GLY A 42 16.01 0.27 11.68
C GLY A 42 14.94 1.01 10.90
N ASN A 43 14.23 0.27 10.06
CA ASN A 43 13.27 0.83 9.11
C ASN A 43 12.14 1.52 9.86
N PRO A 44 11.69 2.69 9.36
CA PRO A 44 10.74 3.47 10.13
C PRO A 44 9.39 2.77 10.28
N ASN A 45 9.03 1.93 9.32
CA ASN A 45 7.77 1.22 9.41
C ASN A 45 7.89 0.07 10.40
N PHE A 46 9.04 -0.60 10.45
CA PHE A 46 9.29 -1.56 11.50
C PHE A 46 9.09 -0.91 12.87
N GLU A 47 9.71 0.25 13.06
CA GLU A 47 9.55 0.94 14.34
C GLU A 47 8.10 1.27 14.69
N LEU A 48 7.33 1.69 13.69
CA LEU A 48 5.92 1.98 13.91
C LEU A 48 5.15 0.71 14.28
N GLN A 49 5.60 -0.42 13.78
CA GLN A 49 4.93 -1.69 14.09
C GLN A 49 5.05 -2.06 15.57
N HIS A 50 6.02 -1.50 16.28
CA HIS A 50 6.08 -1.71 17.73
C HIS A 50 4.76 -1.27 18.40
N VAL A 51 4.08 -0.30 17.80
CA VAL A 51 2.80 0.18 18.36
C VAL A 51 1.79 -0.96 18.47
N PHE A 52 1.76 -1.84 17.47
CA PHE A 52 0.86 -2.98 17.53
C PHE A 52 1.18 -3.85 18.73
N ALA A 53 2.44 -4.24 18.84
CA ALA A 53 2.82 -5.09 19.96
C ALA A 53 2.55 -4.42 21.29
N ASP A 54 2.92 -3.14 21.41
CA ASP A 54 2.77 -2.42 22.67
C ASP A 54 1.31 -2.25 23.09
N LYS A 55 0.44 -2.01 22.12
CA LYS A 55 -0.97 -1.79 22.43
C LYS A 55 -1.68 -3.10 22.73
N VAL A 56 -1.21 -4.21 22.15
CA VAL A 56 -1.79 -5.50 22.49
C VAL A 56 -1.51 -5.76 23.97
N LYS A 57 -0.28 -5.53 24.40
CA LYS A 57 0.07 -5.75 25.81
C LYS A 57 -0.70 -4.82 26.73
N GLU A 58 -0.80 -3.55 26.35
CA GLU A 58 -1.50 -2.57 27.18
C GLU A 58 -2.99 -2.86 27.31
N LEU A 59 -3.65 -3.11 26.18
CA LEU A 59 -5.09 -3.27 26.14
C LEU A 59 -5.53 -4.54 26.86
N THR A 60 -4.68 -5.56 26.81
CA THR A 60 -4.97 -6.83 27.47
C THR A 60 -4.32 -6.89 28.85
N ASN A 61 -3.75 -5.77 29.29
CA ASN A 61 -3.07 -5.71 30.58
C ASN A 61 -2.14 -6.91 30.77
N GLY A 62 -1.44 -7.27 29.70
CA GLY A 62 -0.42 -8.31 29.73
C GLY A 62 -0.87 -9.72 29.37
N GLU A 63 -2.17 -9.94 29.17
CA GLU A 63 -2.62 -11.32 28.90
C GLU A 63 -2.20 -11.82 27.52
N VAL A 64 -1.91 -10.90 26.61
CA VAL A 64 -1.39 -11.25 25.29
C VAL A 64 -0.21 -10.35 25.01
N THR A 65 0.90 -10.96 24.60
CA THR A 65 2.09 -10.22 24.21
C THR A 65 2.45 -10.61 22.77
N ILE A 66 3.04 -9.66 22.05
CA ILE A 66 3.46 -9.86 20.67
C ILE A 66 4.96 -9.64 20.63
N GLU A 67 5.68 -10.62 20.09
CA GLU A 67 7.09 -10.46 19.82
C GLU A 67 7.28 -10.13 18.35
N LEU A 68 7.74 -8.92 18.05
CA LEU A 68 7.90 -8.45 16.68
C LEU A 68 9.32 -8.74 16.17
N MSE A 69 9.43 -9.47 15.06
N MSE A 69 9.43 -9.53 15.10
CA MSE A 69 10.73 -9.90 14.56
CA MSE A 69 10.73 -9.91 14.53
C MSE A 69 10.96 -9.35 13.16
C MSE A 69 10.92 -9.25 13.19
O MSE A 69 10.08 -9.41 12.31
O MSE A 69 10.00 -9.21 12.38
CB MSE A 69 10.77 -11.43 14.53
CB MSE A 69 10.80 -11.41 14.25
CG MSE A 69 10.56 -12.06 15.91
CG MSE A 69 10.28 -12.31 15.32
SE MSE A 69 10.29 -14.00 15.84
SE MSE A 69 11.22 -12.22 16.99
CE MSE A 69 8.86 -14.07 14.52
CE MSE A 69 13.00 -11.55 16.51
H MSE A 69 8.77 -9.73 14.59
H MSE A 69 8.76 -9.87 14.69
HA MSE A 69 11.43 -9.58 15.16
HA MSE A 69 11.45 -9.67 15.14
HB2 MSE A 69 10.06 -11.76 13.95
HB2 MSE A 69 10.28 -11.59 13.44
HB3 MSE A 69 11.63 -11.72 14.20
HB3 MSE A 69 11.72 -11.65 14.10
HG2 MSE A 69 11.34 -11.90 16.45
HG2 MSE A 69 9.35 -12.08 15.49
HG3 MSE A 69 9.78 -11.67 16.33
HG3 MSE A 69 10.34 -13.22 15.00
HE1 MSE A 69 8.61 -14.98 14.38
HE1 MSE A 69 13.53 -11.49 17.30
HE2 MSE A 69 8.11 -13.57 14.85
HE2 MSE A 69 13.40 -12.17 15.89
HE3 MSE A 69 9.18 -13.68 13.69
HE3 MSE A 69 12.90 -10.70 16.10
N PRO A 70 12.14 -8.81 12.89
CA PRO A 70 12.39 -8.25 11.55
C PRO A 70 12.30 -9.31 10.45
N VAL A 71 12.11 -8.84 9.23
CA VAL A 71 12.01 -9.73 8.07
C VAL A 71 13.16 -10.71 8.02
N GLY A 72 12.83 -11.96 7.72
CA GLY A 72 13.79 -13.01 7.52
C GLY A 72 14.33 -13.64 8.79
N THR A 73 13.82 -13.25 9.95
CA THR A 73 14.35 -13.78 11.22
C THR A 73 14.17 -15.28 11.30
N ILE A 74 12.94 -15.72 11.05
CA ILE A 74 12.59 -17.11 11.22
C ILE A 74 12.44 -17.77 9.86
N VAL A 75 11.82 -17.08 8.89
CA VAL A 75 11.64 -17.65 7.57
C VAL A 75 11.68 -16.59 6.48
N ASP A 76 11.79 -17.05 5.25
CA ASP A 76 11.77 -16.18 4.08
C ASP A 76 10.48 -15.35 4.06
N TYR A 77 10.55 -14.11 3.60
CA TYR A 77 9.39 -13.22 3.58
C TYR A 77 8.17 -13.71 2.76
N LYS A 78 8.39 -14.58 1.78
CA LYS A 78 7.29 -15.11 0.99
C LYS A 78 6.68 -16.36 1.62
N GLU A 79 7.31 -16.84 2.68
N GLU A 79 7.30 -16.86 2.68
CA GLU A 79 6.94 -18.11 3.30
CA GLU A 79 6.86 -18.12 3.27
C GLU A 79 6.26 -17.93 4.64
C GLU A 79 6.28 -17.94 4.66
N THR A 80 6.02 -16.69 5.06
CA THR A 80 5.41 -16.49 6.35
C THR A 80 4.05 -17.18 6.50
N PRO A 81 3.23 -17.26 5.41
CA PRO A 81 1.95 -17.95 5.63
C PRO A 81 2.13 -19.40 6.04
N ASP A 82 3.02 -20.10 5.35
CA ASP A 82 3.35 -21.46 5.68
C ASP A 82 3.82 -21.60 7.15
N ALA A 83 4.72 -20.70 7.55
CA ALA A 83 5.31 -20.76 8.88
C ALA A 83 4.28 -20.54 9.96
N ILE A 84 3.32 -19.66 9.67
CA ILE A 84 2.24 -19.35 10.59
C ILE A 84 1.35 -20.56 10.81
N GLN A 85 0.89 -21.18 9.73
CA GLN A 85 -0.01 -22.32 9.91
C GLN A 85 0.70 -23.50 10.55
N ALA A 86 2.01 -23.61 10.35
CA ALA A 86 2.80 -24.70 10.94
C ALA A 86 3.13 -24.47 12.42
N GLY A 87 3.05 -23.23 12.88
CA GLY A 87 3.32 -22.94 14.28
C GLY A 87 4.74 -22.47 14.52
N LEU A 88 5.49 -22.27 13.44
CA LEU A 88 6.88 -21.82 13.54
C LEU A 88 6.96 -20.32 13.91
N ILE A 89 6.04 -19.54 13.37
CA ILE A 89 5.76 -18.20 13.88
C ILE A 89 4.24 -18.15 14.04
N ASP A 90 3.71 -17.10 14.66
CA ASP A 90 2.27 -16.99 14.94
C ASP A 90 1.54 -15.97 14.06
N GLY A 91 2.25 -15.03 13.48
CA GLY A 91 1.61 -14.08 12.59
C GLY A 91 2.63 -13.35 11.77
N HIS A 92 2.15 -12.43 10.94
CA HIS A 92 3.01 -11.54 10.17
C HIS A 92 2.41 -10.16 9.98
N ILE A 93 3.29 -9.21 9.69
CA ILE A 93 2.89 -7.89 9.26
C ILE A 93 3.65 -7.73 7.96
N THR A 94 2.97 -7.86 6.82
CA THR A 94 3.68 -8.02 5.57
C THR A 94 2.93 -7.48 4.35
N ASP A 95 3.66 -7.39 3.26
CA ASP A 95 3.17 -6.85 2.00
C ASP A 95 2.41 -7.95 1.31
N THR A 96 1.09 -7.77 1.22
CA THR A 96 0.23 -8.81 0.63
C THR A 96 0.56 -9.08 -0.85
N SER A 97 1.18 -8.10 -1.51
CA SER A 97 1.57 -8.30 -2.89
C SER A 97 2.62 -9.41 -3.05
N TYR A 98 3.31 -9.74 -1.97
CA TYR A 98 4.30 -10.82 -2.02
C TYR A 98 3.70 -12.16 -2.44
N PHE A 99 2.37 -12.27 -2.34
CA PHE A 99 1.72 -13.56 -2.56
C PHE A 99 0.97 -13.62 -3.87
N ALA A 100 1.24 -12.67 -4.76
CA ALA A 100 0.58 -12.65 -6.07
C ALA A 100 0.80 -13.92 -6.87
N GLY A 101 1.90 -14.62 -6.61
CA GLY A 101 2.16 -15.90 -7.24
C GLY A 101 1.13 -16.97 -6.87
N ARG A 102 0.56 -16.88 -5.68
CA ARG A 102 -0.46 -17.84 -5.25
C ARG A 102 -1.76 -17.67 -6.01
N ASP A 103 -2.13 -16.41 -6.22
CA ASP A 103 -3.37 -16.07 -6.91
C ASP A 103 -3.28 -14.62 -7.32
N PRO A 104 -3.61 -14.30 -8.59
CA PRO A 104 -3.48 -12.87 -8.97
C PRO A 104 -4.34 -11.94 -8.13
N ALA A 105 -5.35 -12.47 -7.45
CA ALA A 105 -6.18 -11.65 -6.56
C ALA A 105 -5.33 -10.95 -5.50
N PHE A 106 -4.26 -11.60 -5.06
CA PHE A 106 -3.41 -11.02 -4.04
C PHE A 106 -2.79 -9.73 -4.53
N GLY A 107 -2.30 -9.73 -5.77
CA GLY A 107 -1.67 -8.55 -6.35
C GLY A 107 -2.68 -7.43 -6.51
N LEU A 108 -3.87 -7.80 -6.97
CA LEU A 108 -4.90 -6.80 -7.24
C LEU A 108 -5.42 -6.13 -5.97
N ILE A 109 -5.75 -6.92 -4.94
CA ILE A 109 -6.24 -6.32 -3.71
C ILE A 109 -5.12 -5.55 -2.98
N ALA A 110 -3.88 -5.97 -3.14
CA ALA A 110 -2.78 -5.37 -2.40
C ALA A 110 -2.47 -3.98 -2.90
N ASN A 111 -2.67 -3.73 -4.19
CA ASN A 111 -2.41 -2.40 -4.75
C ASN A 111 -3.17 -2.25 -6.06
N PRO A 112 -4.46 -1.99 -5.96
CA PRO A 112 -5.26 -1.79 -7.17
C PRO A 112 -4.96 -0.40 -7.71
N VAL A 113 -3.98 -0.38 -8.59
CA VAL A 113 -3.36 0.86 -9.04
C VAL A 113 -4.43 1.85 -9.47
N GLY A 114 -4.40 3.03 -8.87
CA GLY A 114 -5.28 4.12 -9.24
C GLY A 114 -6.57 4.24 -8.43
N ALA A 115 -6.85 3.26 -7.59
CA ALA A 115 -8.09 3.28 -6.84
C ALA A 115 -8.18 4.37 -5.79
N TRP A 116 -7.04 4.73 -5.18
CA TRP A 116 -7.06 5.49 -3.94
C TRP A 116 -6.38 6.86 -4.05
N ALA A 117 -6.96 7.82 -3.33
CA ALA A 117 -6.43 9.19 -3.23
C ALA A 117 -6.02 9.52 -1.81
N ASP A 118 -6.27 8.58 -0.88
CA ASP A 118 -5.93 8.77 0.51
C ASP A 118 -6.02 7.43 1.24
N PRO A 119 -5.17 7.20 2.26
CA PRO A 119 -5.27 5.90 2.94
C PRO A 119 -6.65 5.66 3.55
N ALA A 120 -7.36 6.70 3.97
CA ALA A 120 -8.68 6.50 4.58
C ALA A 120 -9.63 5.76 3.64
N GLN A 121 -9.49 6.00 2.33
CA GLN A 121 -10.36 5.34 1.37
C GLN A 121 -10.13 3.84 1.35
N MSE A 122 -8.87 3.44 1.28
CA MSE A 122 -8.54 2.01 1.28
C MSE A 122 -8.94 1.33 2.59
O MSE A 122 -9.47 0.21 2.61
CB MSE A 122 -7.06 1.84 0.97
CG MSE A 122 -6.61 0.39 0.84
SE MSE A 122 -6.14 -0.43 2.52
CE MSE A 122 -4.39 0.28 2.77
H MSE A 122 -8.20 3.96 1.22
HA MSE A 122 -9.03 1.58 0.55
HB2 MSE A 122 -6.85 2.29 0.14
HB3 MSE A 122 -6.54 2.23 1.70
HG2 MSE A 122 -7.34 -0.13 0.46
HG3 MSE A 122 -5.84 0.34 0.26
HE1 MSE A 122 -4.03 -0.04 3.59
HE2 MSE A 122 -3.83 0.02 2.04
HE3 MSE A 122 -4.45 1.24 2.80
N ILE A 123 -8.67 2.02 3.70
N ILE A 123 -8.69 2.02 3.69
CA ILE A 123 -9.04 1.54 5.02
CA ILE A 123 -9.03 1.49 5.01
C ILE A 123 -10.54 1.27 5.08
C ILE A 123 -10.54 1.30 5.14
N ASP A 124 -11.32 2.25 4.62
CA ASP A 124 -12.78 2.11 4.64
C ASP A 124 -13.25 0.98 3.74
N PHE A 125 -12.64 0.84 2.57
CA PHE A 125 -12.92 -0.31 1.71
C PHE A 125 -12.70 -1.64 2.47
N VAL A 126 -11.59 -1.75 3.17
CA VAL A 126 -11.30 -2.98 3.91
C VAL A 126 -12.27 -3.19 5.06
N GLU A 127 -12.47 -2.15 5.87
CA GLU A 127 -13.19 -2.34 7.12
C GLU A 127 -14.71 -2.34 6.95
N ASN A 128 -15.21 -1.63 5.94
CA ASN A 128 -16.67 -1.49 5.75
C ASN A 128 -17.15 -1.83 4.34
N GLY A 129 -16.24 -1.98 3.38
CA GLY A 129 -16.63 -2.16 2.01
C GLY A 129 -16.40 -3.53 1.41
N GLY A 130 -16.12 -4.50 2.27
CA GLY A 130 -15.94 -5.87 1.84
C GLY A 130 -14.51 -6.37 1.76
N GLY A 131 -13.53 -5.50 1.96
CA GLY A 131 -12.14 -5.91 1.77
C GLY A 131 -11.65 -6.91 2.80
N LYS A 132 -12.05 -6.73 4.05
CA LYS A 132 -11.61 -7.65 5.09
C LYS A 132 -12.16 -9.05 4.85
N GLU A 133 -13.39 -9.15 4.36
CA GLU A 133 -13.98 -10.44 4.06
C GLU A 133 -13.24 -11.12 2.90
N LEU A 134 -12.88 -10.32 1.91
CA LEU A 134 -12.06 -10.81 0.81
C LEU A 134 -10.72 -11.35 1.35
N MSE A 135 -10.10 -10.59 2.24
CA MSE A 135 -8.78 -11.01 2.79
C MSE A 135 -8.90 -12.36 3.52
O MSE A 135 -8.10 -13.26 3.31
CB MSE A 135 -8.23 -9.98 3.73
CG MSE A 135 -7.62 -8.79 3.02
SE MSE A 135 -6.12 -9.20 1.80
CE MSE A 135 -4.93 -9.96 3.12
H MSE A 135 -10.39 -9.84 2.56
HA MSE A 135 -8.15 -11.11 2.03
HB2 MSE A 135 -8.95 -9.66 4.29
HB3 MSE A 135 -7.55 -10.40 4.27
HG2 MSE A 135 -8.31 -8.35 2.49
HG3 MSE A 135 -7.28 -8.17 3.69
HE1 MSE A 135 -4.12 -10.24 2.69
HE2 MSE A 135 -4.74 -9.31 3.79
HE3 MSE A 135 -5.37 -10.73 3.52
N ASN A 136 -9.95 -12.52 4.30
CA ASN A 136 -10.16 -13.80 4.94
C ASN A 136 -10.52 -14.93 3.98
N GLU A 137 -11.27 -14.62 2.91
CA GLU A 137 -11.53 -15.64 1.90
C GLU A 137 -10.23 -16.05 1.24
N LEU A 138 -9.30 -15.10 1.11
CA LEU A 138 -8.03 -15.39 0.49
C LEU A 138 -7.08 -16.16 1.40
N ILE A 139 -7.09 -15.82 2.69
CA ILE A 139 -6.05 -16.38 3.55
C ILE A 139 -6.49 -17.41 4.58
N ASN A 140 -7.79 -17.54 4.85
CA ASN A 140 -8.27 -18.67 5.66
C ASN A 140 -7.86 -20.00 5.03
N PRO A 141 -7.88 -20.12 3.70
CA PRO A 141 -7.44 -21.38 3.10
C PRO A 141 -5.96 -21.72 3.34
N TYR A 142 -5.21 -20.76 3.84
CA TYR A 142 -3.81 -20.96 4.23
C TYR A 142 -3.65 -21.07 5.73
N GLY A 143 -4.73 -21.09 6.49
CA GLY A 143 -4.65 -21.21 7.93
C GLY A 143 -4.42 -19.91 8.67
N LEU A 144 -4.67 -18.78 7.99
CA LEU A 144 -4.48 -17.45 8.58
C LEU A 144 -5.79 -16.73 8.80
N GLN A 145 -5.85 -15.92 9.84
CA GLN A 145 -6.92 -14.97 10.06
C GLN A 145 -6.37 -13.58 9.79
N PHE A 146 -7.05 -12.80 8.94
CA PHE A 146 -6.71 -11.39 8.68
C PHE A 146 -7.25 -10.56 9.82
N ILE A 147 -6.38 -9.87 10.55
CA ILE A 147 -6.78 -9.03 11.67
C ILE A 147 -7.13 -7.61 11.20
N GLY A 148 -6.21 -6.98 10.46
CA GLY A 148 -6.49 -5.66 9.94
C GLY A 148 -5.40 -5.16 9.03
N VAL A 149 -5.65 -3.99 8.46
CA VAL A 149 -4.83 -3.45 7.40
C VAL A 149 -3.99 -2.27 7.89
N SER A 150 -2.85 -2.08 7.23
CA SER A 150 -2.05 -0.89 7.40
C SER A 150 -1.44 -0.56 6.07
N THR A 151 -0.61 0.49 6.03
CA THR A 151 0.09 0.82 4.80
C THR A 151 1.40 1.58 5.07
N PRO A 152 2.40 1.39 4.21
CA PRO A 152 3.57 2.27 4.27
C PRO A 152 3.33 3.61 3.57
N GLY A 153 2.13 3.82 3.02
CA GLY A 153 1.74 5.14 2.55
C GLY A 153 1.31 5.23 1.10
N LEU A 154 0.43 6.19 0.83
CA LEU A 154 0.11 6.55 -0.55
C LEU A 154 1.34 7.27 -1.11
N GLU A 155 1.86 6.77 -2.22
CA GLU A 155 3.03 7.37 -2.87
C GLU A 155 2.65 8.70 -3.49
N ALA A 156 3.61 9.62 -3.57
CA ALA A 156 3.46 10.82 -4.39
C ALA A 156 4.12 10.59 -5.73
N PHE A 157 3.69 11.32 -6.75
CA PHE A 157 4.25 11.16 -8.08
C PHE A 157 5.36 12.19 -8.27
N VAL A 158 6.39 11.76 -9.00
CA VAL A 158 7.52 12.61 -9.38
C VAL A 158 7.32 12.98 -10.86
N SER A 159 7.37 14.27 -11.18
CA SER A 159 7.26 14.68 -12.57
C SER A 159 8.00 15.98 -12.84
N LYS A 160 8.70 16.02 -13.98
CA LYS A 160 9.36 17.23 -14.47
C LYS A 160 8.41 18.13 -15.24
N VAL A 161 7.30 17.54 -15.75
CA VAL A 161 6.35 18.24 -16.60
C VAL A 161 5.06 18.48 -15.82
N PRO A 162 4.36 19.57 -16.13
CA PRO A 162 3.14 19.86 -15.38
C PRO A 162 1.99 18.91 -15.73
N LEU A 163 1.52 18.15 -14.76
CA LEU A 163 0.40 17.24 -14.91
C LEU A 163 -0.74 17.67 -14.00
N ASP A 164 -1.83 18.12 -14.61
CA ASP A 164 -3.05 18.42 -13.89
C ASP A 164 -4.22 17.54 -14.32
N THR A 165 -4.08 16.85 -15.44
CA THR A 165 -5.15 15.97 -15.93
C THR A 165 -4.56 14.64 -16.38
N VAL A 166 -5.42 13.63 -16.51
CA VAL A 166 -4.97 12.36 -17.02
C VAL A 166 -4.43 12.50 -18.43
N GLU A 167 -5.02 13.40 -19.21
CA GLU A 167 -4.58 13.66 -20.57
C GLU A 167 -3.13 14.11 -20.62
N ASP A 168 -2.66 14.79 -19.58
CA ASP A 168 -1.28 15.22 -19.52
C ASP A 168 -0.29 14.06 -19.49
N LEU A 169 -0.73 12.85 -19.19
CA LEU A 169 0.18 11.72 -19.16
C LEU A 169 0.57 11.19 -20.53
N LYS A 170 -0.16 11.59 -21.57
CA LYS A 170 0.07 11.02 -22.89
C LYS A 170 1.48 11.34 -23.33
N GLY A 171 2.22 10.31 -23.71
CA GLY A 171 3.56 10.46 -24.23
C GLY A 171 4.66 10.59 -23.19
N VAL A 172 4.31 10.73 -21.92
CA VAL A 172 5.31 10.96 -20.87
C VAL A 172 6.04 9.67 -20.57
N LYS A 173 7.37 9.75 -20.51
CA LYS A 173 8.19 8.63 -20.12
C LYS A 173 8.17 8.53 -18.61
N VAL A 174 7.52 7.49 -18.09
CA VAL A 174 7.31 7.33 -16.65
C VAL A 174 7.99 6.08 -16.13
N ARG A 175 8.97 6.23 -15.26
CA ARG A 175 9.53 5.06 -14.58
C ARG A 175 8.41 4.32 -13.82
N SER A 176 8.25 3.06 -14.14
CA SER A 176 7.11 2.28 -13.67
C SER A 176 7.58 0.87 -13.32
N PRO A 177 7.27 0.39 -12.11
CA PRO A 177 7.48 -1.03 -11.86
C PRO A 177 6.70 -1.88 -12.86
N GLU A 178 7.33 -2.96 -13.29
CA GLU A 178 6.73 -4.03 -14.08
C GLU A 178 5.38 -4.46 -13.53
N GLY A 179 4.45 -4.80 -14.41
CA GLY A 179 3.15 -5.27 -13.99
C GLY A 179 2.06 -4.22 -14.05
N LEU A 180 1.17 -4.25 -13.06
CA LEU A 180 -0.03 -3.44 -13.13
C LEU A 180 0.28 -1.95 -13.17
N ILE A 181 1.30 -1.48 -12.46
CA ILE A 181 1.62 -0.04 -12.53
C ILE A 181 1.99 0.36 -13.96
N ALA A 182 2.96 -0.32 -14.58
CA ALA A 182 3.30 -0.02 -15.96
C ALA A 182 2.10 -0.16 -16.89
N ASN A 183 1.28 -1.20 -16.69
CA ASN A 183 0.18 -1.46 -17.59
C ASN A 183 -0.88 -0.37 -17.52
N VAL A 184 -1.13 0.17 -16.32
CA VAL A 184 -2.04 1.30 -16.16
C VAL A 184 -1.47 2.56 -16.81
N PHE A 185 -0.19 2.86 -16.59
CA PHE A 185 0.39 4.04 -17.25
C PHE A 185 0.34 3.90 -18.77
N ALA A 186 0.62 2.70 -19.29
CA ALA A 186 0.49 2.49 -20.73
C ALA A 186 -0.95 2.67 -21.22
N ALA A 187 -1.93 2.20 -20.44
CA ALA A 187 -3.32 2.37 -20.81
C ALA A 187 -3.71 3.85 -20.84
N ALA A 188 -3.03 4.67 -20.04
CA ALA A 188 -3.23 6.11 -20.02
C ALA A 188 -2.46 6.82 -21.13
N GLY A 189 -1.74 6.07 -21.94
CA GLY A 189 -1.01 6.65 -23.05
C GLY A 189 0.39 7.10 -22.70
N ALA A 190 0.84 6.84 -21.48
CA ALA A 190 2.22 7.14 -21.10
C ALA A 190 3.13 6.04 -21.65
N ASN A 191 4.44 6.25 -21.50
CA ASN A 191 5.44 5.32 -21.98
C ASN A 191 6.21 4.80 -20.78
N PRO A 192 5.87 3.61 -20.28
CA PRO A 192 6.57 3.14 -19.08
C PRO A 192 8.01 2.74 -19.35
N VAL A 193 8.87 3.05 -18.39
CA VAL A 193 10.28 2.73 -18.46
C VAL A 193 10.65 1.93 -17.23
N ASN A 194 11.43 0.88 -17.43
CA ASN A 194 11.76 -0.08 -16.39
C ASN A 194 13.15 0.21 -15.84
N LEU A 195 13.24 0.74 -14.63
CA LEU A 195 14.51 1.13 -13.99
C LEU A 195 14.54 0.82 -12.50
N PRO A 196 15.69 0.39 -11.97
CA PRO A 196 15.88 0.29 -10.52
C PRO A 196 15.80 1.63 -9.82
N SER A 197 15.40 1.59 -8.57
CA SER A 197 15.16 2.80 -7.79
C SER A 197 16.39 3.68 -7.77
N SER A 198 17.57 3.07 -7.69
CA SER A 198 18.79 3.79 -7.53
C SER A 198 19.20 4.53 -8.79
N GLU A 199 18.47 4.32 -9.89
CA GLU A 199 18.79 4.96 -11.16
C GLU A 199 17.75 6.01 -11.56
N VAL A 200 16.75 6.21 -10.73
CA VAL A 200 15.69 7.14 -11.09
C VAL A 200 16.18 8.59 -11.17
N TYR A 201 16.95 9.02 -10.18
CA TYR A 201 17.39 10.41 -10.10
C TYR A 201 18.21 10.76 -11.34
N THR A 202 19.22 9.96 -11.64
N THR A 202 19.23 9.97 -11.65
CA THR A 202 20.10 10.24 -12.77
CA THR A 202 20.07 10.28 -12.78
C THR A 202 19.37 10.13 -14.10
C THR A 202 19.31 10.19 -14.09
N SER A 203 18.38 9.24 -14.18
CA SER A 203 17.60 9.08 -15.40
C SER A 203 16.70 10.28 -15.65
N LEU A 204 16.15 10.87 -14.58
CA LEU A 204 15.41 12.13 -14.73
C LEU A 204 16.35 13.22 -15.23
N ASP A 205 17.50 13.35 -14.59
CA ASP A 205 18.40 14.43 -14.95
C ASP A 205 18.82 14.33 -16.40
N LYS A 206 19.03 13.11 -16.87
CA LYS A 206 19.52 12.88 -18.22
C LYS A 206 18.42 12.91 -19.29
N GLY A 207 17.16 12.89 -18.89
CA GLY A 207 16.07 12.94 -19.85
C GLY A 207 15.61 11.59 -20.34
N VAL A 208 16.12 10.53 -19.71
CA VAL A 208 15.69 9.17 -20.05
C VAL A 208 14.24 8.95 -19.62
N ILE A 209 13.87 9.55 -18.50
CA ILE A 209 12.49 9.62 -18.05
C ILE A 209 12.12 11.07 -17.73
N ASP A 210 10.82 11.35 -17.80
CA ASP A 210 10.23 12.65 -17.50
C ASP A 210 9.50 12.66 -16.15
N ALA A 211 9.21 11.47 -15.65
CA ALA A 211 8.38 11.30 -14.46
C ALA A 211 8.65 9.92 -13.86
N ALA A 212 8.19 9.69 -12.64
CA ALA A 212 8.46 8.42 -12.00
C ALA A 212 7.53 8.09 -10.87
N ASP A 213 7.19 6.80 -10.81
CA ASP A 213 6.87 6.16 -9.55
C ASP A 213 8.15 6.10 -8.72
N TYR A 214 8.10 6.60 -7.50
CA TYR A 214 9.20 6.40 -6.58
C TYR A 214 8.56 5.98 -5.25
N SER A 215 8.38 6.93 -4.34
CA SER A 215 7.94 6.64 -2.99
C SER A 215 6.94 7.69 -2.45
N VAL A 216 6.77 7.77 -1.14
CA VAL A 216 5.95 8.77 -0.52
C VAL A 216 6.63 10.13 -0.66
N PHE A 217 5.86 11.19 -0.55
CA PHE A 217 6.40 12.54 -0.77
C PHE A 217 7.63 12.84 0.06
N SER A 218 7.61 12.45 1.33
CA SER A 218 8.73 12.78 2.19
C SER A 218 10.05 12.17 1.69
N VAL A 219 10.01 10.97 1.17
CA VAL A 219 11.16 10.33 0.57
C VAL A 219 11.51 10.99 -0.74
N ASN A 220 10.51 11.25 -1.58
CA ASN A 220 10.78 11.86 -2.88
C ASN A 220 11.49 13.19 -2.68
N GLN A 221 11.02 13.94 -1.70
CA GLN A 221 11.56 15.25 -1.37
C GLN A 221 12.99 15.15 -0.83
N ASP A 222 13.21 14.25 0.11
CA ASP A 222 14.53 14.07 0.71
C ASP A 222 15.56 13.63 -0.31
N THR A 223 15.13 12.90 -1.32
N THR A 223 15.14 12.89 -1.32
CA THR A 223 16.00 12.32 -2.30
CA THR A 223 16.05 12.33 -2.30
C THR A 223 16.45 13.37 -3.35
C THR A 223 16.38 13.33 -3.41
N GLY A 224 15.78 14.52 -3.35
CA GLY A 224 16.03 15.56 -4.34
C GLY A 224 15.22 15.43 -5.63
N MSE A 225 14.38 14.41 -5.71
N MSE A 225 14.31 14.48 -5.72
CA MSE A 225 13.53 14.19 -6.88
CA MSE A 225 13.61 14.30 -7.01
C MSE A 225 12.74 15.45 -7.27
C MSE A 225 12.62 15.40 -7.32
O MSE A 225 12.72 15.85 -8.45
O MSE A 225 12.32 15.64 -8.48
CB MSE A 225 12.51 13.08 -6.62
CB MSE A 225 12.86 13.00 -7.05
CG MSE A 225 13.07 11.71 -6.38
CG MSE A 225 13.65 11.92 -6.56
SE MSE A 225 14.24 11.16 -7.83
SE MSE A 225 12.94 10.21 -6.94
CE MSE A 225 14.72 9.41 -7.14
CE MSE A 225 14.62 9.24 -6.85
H MSE A 225 14.27 13.81 -5.09
H MSE A 225 14.08 13.94 -5.10
HA MSE A 225 14.09 13.91 -7.63
HA MSE A 225 14.28 14.27 -7.72
HB2 MSE A 225 12.00 13.33 -5.82
HB2 MSE A 225 12.06 13.07 -6.51
HB3 MSE A 225 11.91 13.02 -7.38
HB3 MSE A 225 12.61 12.81 -7.97
HG2 MSE A 225 13.58 11.71 -5.56
HG2 MSE A 225 14.53 11.96 -6.95
HG3 MSE A 225 12.34 11.08 -6.31
HG3 MSE A 225 13.71 12.00 -5.59
HE1 MSE A 225 15.31 8.99 -7.76
HE1 MSE A 225 14.46 8.32 -7.04
HE2 MSE A 225 15.15 9.53 -6.29
HE2 MSE A 225 15.23 9.60 -7.51
HE3 MSE A 225 13.91 8.89 -7.04
HE3 MSE A 225 14.99 9.35 -5.97
N ASN A 226 12.09 16.06 -6.30
CA ASN A 226 11.19 17.18 -6.56
C ASN A 226 11.96 18.44 -6.92
N ASP A 227 13.25 18.48 -6.59
CA ASP A 227 14.08 19.60 -6.96
C ASP A 227 14.45 19.54 -8.45
N ILE A 228 14.78 18.35 -8.94
CA ILE A 228 15.14 18.17 -10.35
C ILE A 228 13.90 18.00 -11.26
N ALA A 229 12.76 17.71 -10.65
CA ALA A 229 11.51 17.45 -11.36
C ALA A 229 10.42 18.19 -10.58
N PRO A 230 10.21 19.47 -10.92
CA PRO A 230 9.53 20.39 -10.01
C PRO A 230 8.00 20.45 -10.16
N HIS A 231 7.39 19.37 -10.61
CA HIS A 231 5.94 19.27 -10.71
C HIS A 231 5.39 17.99 -10.11
N PRO A 232 5.68 17.74 -8.84
CA PRO A 232 5.10 16.55 -8.20
C PRO A 232 3.58 16.58 -8.12
N VAL A 233 2.97 15.39 -8.05
CA VAL A 233 1.55 15.28 -7.77
C VAL A 233 1.41 14.70 -6.38
N TYR A 234 0.75 15.47 -5.51
CA TYR A 234 0.54 15.10 -4.13
C TYR A 234 -0.81 15.64 -3.67
N PRO A 235 -1.67 14.80 -3.07
CA PRO A 235 -1.48 13.36 -2.89
C PRO A 235 -1.34 12.64 -4.22
N GLY A 236 -0.60 11.55 -4.22
CA GLY A 236 -0.47 10.74 -5.41
C GLY A 236 -1.78 10.10 -5.84
N PHE A 237 -1.73 9.42 -6.97
CA PHE A 237 -2.95 8.91 -7.60
C PHE A 237 -2.83 7.46 -8.05
N HIS A 238 -1.79 6.74 -7.65
CA HIS A 238 -1.62 5.43 -8.24
C HIS A 238 -1.13 4.27 -7.40
N SER A 239 -0.40 4.49 -6.31
CA SER A 239 0.21 3.39 -5.57
C SER A 239 0.03 3.54 -4.07
N LEU A 240 -0.68 2.60 -3.44
CA LEU A 240 -0.95 2.63 -2.02
C LEU A 240 -0.93 1.19 -1.54
N PRO A 241 0.25 0.67 -1.18
CA PRO A 241 0.35 -0.76 -0.86
C PRO A 241 -0.36 -1.17 0.43
N LEU A 242 -0.97 -2.35 0.40
CA LEU A 242 -1.67 -2.94 1.54
C LEU A 242 -0.70 -3.80 2.32
N VAL A 243 -0.55 -3.48 3.61
CA VAL A 243 0.20 -4.32 4.54
C VAL A 243 -0.81 -4.99 5.47
N GLU A 244 -0.80 -6.31 5.47
CA GLU A 244 -1.72 -7.07 6.30
C GLU A 244 -1.12 -7.42 7.64
N VAL A 245 -1.95 -7.39 8.69
CA VAL A 245 -1.62 -7.95 10.00
C VAL A 245 -2.53 -9.16 10.14
N SER A 246 -1.91 -10.33 10.16
CA SER A 246 -2.64 -11.60 10.15
C SER A 246 -1.95 -12.60 11.06
N MSE A 247 -2.67 -13.62 11.53
CA MSE A 247 -2.08 -14.59 12.44
C MSE A 247 -2.69 -15.95 12.24
O MSE A 247 -3.66 -16.14 11.49
CB MSE A 247 -2.25 -14.13 13.89
CG MSE A 247 -3.62 -14.31 14.51
SE MSE A 247 -3.59 -13.99 16.44
CE MSE A 247 -2.60 -15.58 16.90
H MSE A 247 -3.49 -13.77 11.32
HA MSE A 247 -1.12 -14.65 12.26
HB2 MSE A 247 -1.62 -14.61 14.43
HB3 MSE A 247 -2.04 -13.18 13.94
HG2 MSE A 247 -4.25 -13.69 14.10
HG3 MSE A 247 -3.92 -15.22 14.36
HE1 MSE A 247 -2.48 -15.60 17.86
HE2 MSE A 247 -3.11 -16.35 16.63
HE3 MSE A 247 -1.75 -15.57 16.47
N ASN A 248 -2.12 -16.93 12.93
CA ASN A 248 -2.57 -18.29 12.87
C ASN A 248 -4.04 -18.35 13.23
N LYS A 249 -4.86 -18.94 12.36
CA LYS A 249 -6.30 -18.88 12.57
C LYS A 249 -6.78 -19.77 13.72
N GLN A 250 -6.15 -20.93 13.90
CA GLN A 250 -6.46 -21.78 15.05
C GLN A 250 -6.20 -21.06 16.37
N LYS A 251 -5.09 -20.33 16.45
CA LYS A 251 -4.78 -19.63 17.68
C LYS A 251 -5.71 -18.47 17.88
N TRP A 252 -6.03 -17.77 16.80
CA TRP A 252 -6.99 -16.69 16.84
C TRP A 252 -8.34 -17.20 17.34
N ASP A 253 -8.82 -18.27 16.73
CA ASP A 253 -10.13 -18.83 17.08
C ASP A 253 -10.24 -19.34 18.52
N ALA A 254 -9.11 -19.59 19.17
CA ALA A 254 -9.09 -20.08 20.56
C ALA A 254 -9.17 -18.94 21.57
N LEU A 255 -9.00 -17.69 21.12
CA LEU A 255 -9.08 -16.55 22.03
C LEU A 255 -10.54 -16.23 22.38
N THR A 256 -10.73 -15.60 23.55
CA THR A 256 -12.03 -15.10 23.96
C THR A 256 -12.40 -13.87 23.09
N PRO A 257 -13.71 -13.56 22.99
CA PRO A 257 -14.15 -12.39 22.21
C PRO A 257 -13.52 -11.10 22.68
N GLU A 258 -13.37 -10.92 23.99
CA GLU A 258 -12.82 -9.68 24.52
C GLU A 258 -11.35 -9.50 24.13
N LEU A 259 -10.59 -10.59 24.09
CA LEU A 259 -9.18 -10.51 23.69
C LEU A 259 -9.05 -10.31 22.18
N GLN A 260 -9.90 -10.98 21.40
CA GLN A 260 -9.91 -10.72 19.95
C GLN A 260 -10.19 -9.26 19.69
N ALA A 261 -11.17 -8.72 20.40
CA ALA A 261 -11.55 -7.31 20.21
C ALA A 261 -10.41 -6.38 20.60
N LYS A 262 -9.66 -6.74 21.63
CA LYS A 262 -8.54 -5.93 22.06
C LYS A 262 -7.39 -5.98 21.05
N ILE A 263 -7.12 -7.15 20.49
CA ILE A 263 -6.09 -7.26 19.45
C ILE A 263 -6.51 -6.49 18.19
N THR A 264 -7.76 -6.58 17.79
CA THR A 264 -8.23 -5.81 16.65
C THR A 264 -8.10 -4.31 16.96
N GLU A 265 -8.39 -3.94 18.19
CA GLU A 265 -8.29 -2.54 18.61
C GLU A 265 -6.82 -2.08 18.55
N ALA A 266 -5.91 -2.90 19.07
CA ALA A 266 -4.48 -2.59 19.02
C ALA A 266 -4.02 -2.38 17.58
N GLN A 267 -4.49 -3.24 16.70
CA GLN A 267 -4.13 -3.16 15.28
C GLN A 267 -4.60 -1.84 14.69
N LYS A 268 -5.83 -1.46 15.03
CA LYS A 268 -6.42 -0.20 14.55
C LYS A 268 -5.59 0.98 15.04
N ILE A 269 -5.13 0.91 16.27
CA ILE A 269 -4.31 1.98 16.83
C ILE A 269 -2.97 2.06 16.08
N PHE A 270 -2.33 0.92 15.84
CA PHE A 270 -1.13 0.88 15.04
C PHE A 270 -1.38 1.50 13.65
N GLN A 271 -2.47 1.04 13.01
CA GLN A 271 -2.80 1.52 11.68
C GLN A 271 -2.90 3.04 11.66
N GLN A 272 -3.64 3.60 12.61
CA GLN A 272 -3.87 5.05 12.63
C GLN A 272 -2.62 5.85 12.97
N THR A 273 -1.82 5.31 13.89
CA THR A 273 -0.56 5.98 14.26
C THR A 273 0.36 6.01 13.06
N GLN A 274 0.43 4.91 12.32
CA GLN A 274 1.25 4.85 11.13
C GLN A 274 0.77 5.84 10.07
N ILE A 275 -0.53 5.84 9.77
CA ILE A 275 -1.04 6.76 8.75
C ILE A 275 -0.80 8.21 9.15
N ASP A 276 -1.02 8.54 10.42
CA ASP A 276 -0.86 9.92 10.84
C ASP A 276 0.62 10.32 10.84
N THR A 277 1.51 9.40 11.19
CA THR A 277 2.94 9.69 11.16
C THR A 277 3.42 9.93 9.73
N LEU A 278 2.99 9.09 8.81
CA LEU A 278 3.30 9.26 7.40
C LEU A 278 2.77 10.59 6.88
N HIS A 279 1.54 10.92 7.26
CA HIS A 279 0.93 12.15 6.81
C HIS A 279 1.76 13.34 7.26
N GLN A 280 2.14 13.38 8.53
CA GLN A 280 2.90 14.52 9.05
C GLN A 280 4.25 14.67 8.35
N ARG A 281 4.92 13.57 8.09
CA ARG A 281 6.21 13.63 7.43
C ARG A 281 6.03 14.16 6.01
N ASP A 282 5.00 13.70 5.32
CA ASP A 282 4.72 14.26 3.99
C ASP A 282 4.42 15.75 4.05
N LEU A 283 3.60 16.18 5.00
CA LEU A 283 3.25 17.60 5.12
C LEU A 283 4.50 18.43 5.39
N GLU A 284 5.40 17.93 6.23
CA GLU A 284 6.68 18.61 6.46
C GLU A 284 7.44 18.85 5.16
N ALA A 285 7.49 17.81 4.36
CA ALA A 285 8.23 17.85 3.12
C ALA A 285 7.55 18.75 2.10
N VAL A 286 6.22 18.72 2.03
CA VAL A 286 5.50 19.59 1.08
C VAL A 286 5.72 21.05 1.44
N GLU A 287 5.71 21.35 2.73
CA GLU A 287 5.89 22.70 3.22
C GLU A 287 7.27 23.20 2.78
N ALA A 288 8.29 22.35 2.90
CA ALA A 288 9.64 22.67 2.49
C ALA A 288 9.71 22.89 0.98
N ALA A 289 9.08 22.01 0.22
CA ALA A 289 9.04 22.19 -1.24
C ALA A 289 8.42 23.52 -1.63
N LYS A 290 7.28 23.86 -1.05
CA LYS A 290 6.60 25.09 -1.43
C LYS A 290 7.38 26.32 -1.00
N ALA A 291 8.13 26.23 0.09
CA ALA A 291 8.82 27.40 0.62
C ALA A 291 10.01 27.79 -0.25
N GLY A 292 10.50 26.85 -1.06
CA GLY A 292 11.60 27.13 -1.97
C GLY A 292 11.21 27.94 -3.19
N GLY A 293 9.93 28.02 -3.48
CA GLY A 293 9.43 28.87 -4.54
C GLY A 293 9.55 28.35 -5.97
N LYS A 294 10.15 27.16 -6.14
CA LYS A 294 10.36 26.61 -7.48
C LYS A 294 9.47 25.41 -7.78
N ILE A 295 9.05 24.70 -6.75
CA ILE A 295 8.33 23.46 -6.92
C ILE A 295 6.82 23.73 -6.88
N THR A 296 6.10 23.20 -7.86
CA THR A 296 4.64 23.32 -7.93
C THR A 296 4.04 21.98 -7.53
N VAL A 297 3.29 21.96 -6.43
CA VAL A 297 2.71 20.72 -5.96
C VAL A 297 1.28 20.62 -6.49
N HIS A 298 1.03 19.66 -7.36
CA HIS A 298 -0.28 19.54 -8.01
C HIS A 298 -1.15 18.55 -7.26
N ASP A 299 -2.35 18.96 -6.89
CA ASP A 299 -3.35 18.09 -6.25
C ASP A 299 -4.46 17.85 -7.27
N TRP A 300 -4.45 16.69 -7.93
CA TRP A 300 -5.42 16.43 -8.99
C TRP A 300 -6.84 16.56 -8.45
N SER A 301 -7.74 17.14 -9.24
CA SER A 301 -9.13 17.23 -8.83
C SER A 301 -9.77 15.86 -8.64
N ASP A 302 -10.86 15.84 -7.89
CA ASP A 302 -11.63 14.60 -7.78
C ASP A 302 -12.03 14.02 -9.14
N GLU A 303 -12.44 14.90 -10.06
CA GLU A 303 -12.82 14.46 -11.40
C GLU A 303 -11.66 13.82 -12.16
N GLU A 304 -10.47 14.37 -12.03
CA GLU A 304 -9.33 13.79 -12.73
C GLU A 304 -8.95 12.45 -12.09
N ARG A 305 -9.06 12.37 -10.78
CA ARG A 305 -8.79 11.12 -10.09
C ARG A 305 -9.80 10.05 -10.50
N ALA A 306 -11.07 10.44 -10.63
CA ALA A 306 -12.11 9.50 -11.09
C ALA A 306 -11.81 9.05 -12.53
N LYS A 307 -11.32 9.97 -13.36
CA LYS A 307 -10.93 9.59 -14.71
C LYS A 307 -9.77 8.59 -14.68
N PHE A 308 -8.80 8.80 -13.79
CA PHE A 308 -7.68 7.86 -13.68
C PHE A 308 -8.18 6.47 -13.23
N ARG A 309 -9.12 6.45 -12.29
CA ARG A 309 -9.72 5.16 -11.91
C ARG A 309 -10.33 4.42 -13.09
N GLY A 310 -10.99 5.17 -13.96
CA GLY A 310 -11.66 4.57 -15.10
C GLY A 310 -10.66 3.96 -16.06
N ILE A 311 -9.53 4.62 -16.26
CA ILE A 311 -8.51 4.05 -17.11
C ILE A 311 -7.94 2.78 -16.44
N ALA A 312 -7.66 2.90 -15.16
CA ALA A 312 -7.05 1.80 -14.42
C ALA A 312 -7.98 0.59 -14.38
N ARG A 313 -9.28 0.86 -14.30
CA ARG A 313 -10.28 -0.21 -14.21
C ARG A 313 -10.18 -1.18 -15.38
N GLY A 314 -9.91 -0.66 -16.58
CA GLY A 314 -9.71 -1.54 -17.72
C GLY A 314 -8.59 -2.53 -17.50
N GLU A 315 -7.56 -2.11 -16.79
CA GLU A 315 -6.46 -3.01 -16.44
C GLU A 315 -6.82 -3.93 -15.28
N TRP A 316 -7.54 -3.42 -14.28
CA TRP A 316 -8.03 -4.30 -13.21
C TRP A 316 -8.86 -5.44 -13.80
N GLU A 317 -9.67 -5.13 -14.81
CA GLU A 317 -10.58 -6.12 -15.38
C GLU A 317 -9.81 -7.23 -16.07
N LYS A 318 -8.67 -6.91 -16.66
CA LYS A 318 -7.84 -7.95 -17.26
C LYS A 318 -7.33 -8.89 -16.18
N VAL A 319 -6.95 -8.33 -15.04
CA VAL A 319 -6.47 -9.16 -13.95
C VAL A 319 -7.63 -9.99 -13.40
N ALA A 320 -8.81 -9.38 -13.32
CA ALA A 320 -10.00 -10.06 -12.82
C ALA A 320 -10.26 -11.34 -13.59
N GLY A 321 -9.98 -11.36 -14.89
CA GLY A 321 -10.25 -12.54 -15.70
C GLY A 321 -9.28 -13.70 -15.46
N GLN A 322 -8.25 -13.47 -14.65
CA GLN A 322 -7.18 -14.45 -14.47
C GLN A 322 -7.46 -15.48 -13.36
N SER A 323 -8.44 -15.19 -12.50
CA SER A 323 -8.83 -16.16 -11.46
C SER A 323 -10.18 -15.79 -10.86
N GLU A 324 -10.83 -16.78 -10.26
CA GLU A 324 -12.13 -16.54 -9.66
C GLU A 324 -12.03 -15.50 -8.55
N MSE A 325 -11.02 -15.62 -7.69
CA MSE A 325 -10.89 -14.67 -6.60
C MSE A 325 -10.52 -13.27 -7.10
O MSE A 325 -10.93 -12.27 -6.50
CB MSE A 325 -9.83 -15.15 -5.59
CG MSE A 325 -10.31 -16.19 -4.61
SE MSE A 325 -11.96 -15.64 -3.71
CE MSE A 325 -11.36 -14.15 -2.73
H MSE A 325 -10.43 -16.23 -7.72
HA MSE A 325 -11.75 -14.62 -6.13
HB2 MSE A 325 -9.09 -15.54 -6.08
HB3 MSE A 325 -9.53 -14.38 -5.08
HG2 MSE A 325 -10.49 -17.02 -5.08
HG3 MSE A 325 -9.63 -16.32 -3.94
HE1 MSE A 325 -12.11 -13.79 -2.23
HE2 MSE A 325 -10.67 -14.44 -2.12
HE3 MSE A 325 -11.03 -13.49 -3.33
N ALA A 326 -9.78 -13.18 -8.18
CA ALA A 326 -9.45 -11.86 -8.73
C ALA A 326 -10.72 -11.16 -9.21
N GLN A 327 -11.61 -11.91 -9.83
CA GLN A 327 -12.87 -11.35 -10.26
C GLN A 327 -13.71 -10.88 -9.08
N LYS A 328 -13.68 -11.64 -7.98
CA LYS A 328 -14.40 -11.25 -6.79
C LYS A 328 -13.80 -9.97 -6.16
N VAL A 329 -12.48 -9.88 -6.11
CA VAL A 329 -11.83 -8.64 -5.66
C VAL A 329 -12.28 -7.46 -6.56
N TYR A 330 -12.17 -7.66 -7.87
CA TYR A 330 -12.58 -6.63 -8.83
C TYR A 330 -14.03 -6.20 -8.60
N ASP A 331 -14.93 -7.17 -8.46
CA ASP A 331 -16.35 -6.83 -8.33
C ASP A 331 -16.59 -6.02 -7.05
N THR A 332 -15.95 -6.46 -5.98
CA THR A 332 -16.14 -5.82 -4.69
C THR A 332 -15.57 -4.41 -4.67
N LEU A 333 -14.39 -4.24 -5.28
CA LEU A 333 -13.73 -2.95 -5.37
C LEU A 333 -14.52 -1.98 -6.22
N VAL A 334 -14.96 -2.43 -7.39
CA VAL A 334 -15.67 -1.54 -8.29
C VAL A 334 -17.02 -1.16 -7.71
N THR A 335 -17.71 -2.11 -7.07
CA THR A 335 -18.94 -1.77 -6.37
C THR A 335 -18.71 -0.70 -5.32
N TYR A 336 -17.64 -0.83 -4.53
CA TYR A 336 -17.31 0.16 -3.50
C TYR A 336 -17.04 1.56 -4.08
N LEU A 337 -16.19 1.60 -5.08
CA LEU A 337 -15.83 2.88 -5.71
C LEU A 337 -17.04 3.56 -6.34
N LYS A 338 -17.90 2.79 -7.01
CA LYS A 338 -19.07 3.39 -7.62
C LYS A 338 -20.01 3.90 -6.53
N ASP A 339 -20.15 3.11 -5.49
CA ASP A 339 -21.04 3.46 -4.41
C ASP A 339 -20.60 4.74 -3.69
N LYS A 340 -19.29 4.94 -3.59
CA LYS A 340 -18.75 6.12 -2.92
C LYS A 340 -18.62 7.34 -3.83
N GLY A 341 -19.04 7.19 -5.09
CA GLY A 341 -18.95 8.29 -6.04
C GLY A 341 -17.55 8.56 -6.54
N LEU A 342 -16.66 7.57 -6.37
CA LEU A 342 -15.28 7.71 -6.75
C LEU A 342 -15.03 7.30 -8.20
N MSE A 343 -15.96 6.55 -8.77
N MSE A 343 -15.99 6.57 -8.76
CA MSE A 343 -15.82 6.10 -10.15
CA MSE A 343 -15.86 6.02 -10.10
C MSE A 343 -17.16 6.19 -10.85
C MSE A 343 -17.17 6.19 -10.85
O MSE A 343 -18.20 6.03 -10.22
O MSE A 343 -18.24 6.09 -10.23
CB MSE A 343 -15.33 4.67 -10.17
CB MSE A 343 -15.51 4.54 -10.01
CG MSE A 343 -14.45 4.30 -11.34
CG MSE A 343 -16.05 3.70 -11.13
SE MSE A 343 -13.86 2.50 -10.99
SE MSE A 343 -15.17 1.98 -11.21
CE MSE A 343 -15.49 1.61 -11.54
CE MSE A 343 -13.52 2.61 -11.99
H MSE A 343 -16.67 6.27 -8.39
H MSE A 343 -16.73 6.37 -8.38
HA MSE A 343 -15.16 6.66 -10.62
HA MSE A 343 -15.15 6.49 -10.58
HB2 MSE A 343 -14.82 4.50 -9.36
HB2 MSE A 343 -14.54 4.45 -10.00
HB3 MSE A 343 -16.10 4.09 -10.20
HB3 MSE A 343 -15.88 4.19 -9.18
HG2 MSE A 343 -14.96 4.32 -12.17
HG2 MSE A 343 -17.00 3.55 -11.00
HG3 MSE A 343 -13.68 4.89 -11.38
HG3 MSE A 343 -15.90 4.15 -11.97
HE1 MSE A 343 -15.38 0.67 -11.42
HE1 MSE A 343 -12.93 1.87 -12.12
HE2 MSE A 343 -16.21 1.93 -10.99
HE2 MSE A 343 -13.71 3.03 -12.84
HE3 MSE A 343 -15.66 1.82 -12.46
HE3 MSE A 343 -13.12 3.25 -11.40
N ALA A 344 -17.11 6.47 -12.15
CA ALA A 344 -18.31 6.65 -12.95
C ALA A 344 -19.22 5.47 -12.77
N GLU A 345 -20.50 5.75 -12.50
CA GLU A 345 -21.45 4.71 -12.14
C GLU A 345 -21.84 3.86 -13.35
N1 IMD B . 18.97 -0.53 -15.59
C2 IMD B . 18.97 -1.65 -14.84
N3 IMD B . 17.77 -2.26 -14.99
C4 IMD B . 17.03 -1.53 -15.87
C5 IMD B . 17.79 -0.43 -16.24
HN1 IMD B . 19.72 0.10 -15.66
H2 IMD B . 19.70 -1.96 -14.27
HN3 IMD B . 17.49 -3.10 -14.57
H4 IMD B . 16.11 -1.74 -16.17
H5 IMD B . 17.52 0.28 -16.85
N1 IMD C . 12.18 14.11 6.25
C2 IMD C . 11.74 14.61 7.43
N3 IMD C . 10.45 15.02 7.27
C4 IMD C . 10.08 14.78 6.01
C5 IMD C . 11.16 14.19 5.35
H2 IMD C . 12.26 14.66 8.26
HN3 IMD C . 9.89 15.43 7.97
H4 IMD C . 9.21 14.97 5.61
H5 IMD C . 11.18 13.92 4.41
C1 EDO D . -0.61 11.43 3.10
O1 EDO D . 0.50 12.32 3.06
C2 EDO D . -0.79 10.72 1.76
O2 EDO D . -1.21 11.64 0.76
H11 EDO D . -1.52 11.98 3.33
H12 EDO D . -0.46 10.69 3.88
HO1 EDO D . 0.60 12.75 3.92
H21 EDO D . 0.15 10.25 1.45
H22 EDO D . -1.55 9.92 1.85
HO2 EDO D . -1.33 11.18 -0.08
C ACT E . -1.19 -14.05 2.75
O ACT E . -0.62 -14.00 3.86
OXT ACT E . -1.69 -12.99 2.31
CH3 ACT E . -1.27 -15.33 1.96
H1 ACT E . -1.80 -15.14 1.03
H2 ACT E . -1.80 -16.08 2.54
H3 ACT E . -0.26 -15.68 1.74
ZN ZN F . 6.49 3.25 -5.89
ZN ZN G . -6.39 -17.32 27.00
ZN ZN H . 14.01 13.32 5.97
ZN ZN I . 17.96 20.66 -4.48
ZN ZN J . -3.23 13.41 9.14
ZN ZN K . -22.99 3.38 -0.39
ZN ZN L . 6.08 22.29 9.24
ZN ZN M . -10.48 18.21 -14.93
ZN ZN N . -3.08 19.52 -20.44
ZN ZN N . -2.68 20.22 -18.32
ZN ZN O . -6.90 17.11 -2.82
#